data_4IUW
#
_entry.id   4IUW
#
_cell.length_a   56.387
_cell.length_b   83.756
_cell.length_c   143.828
_cell.angle_alpha   90.00
_cell.angle_beta   90.00
_cell.angle_gamma   90.00
#
_symmetry.space_group_name_H-M   'P 21 21 21'
#
loop_
_entity.id
_entity.type
_entity.pdbx_description
1 polymer 'Neutral endopeptidase'
2 non-polymer 'ZINC ION'
3 non-polymer 'CITRIC ACID'
4 non-polymer 'SODIUM ION'
5 non-polymer 'SULFATE ION'
6 non-polymer 'CARBONATE ION'
7 non-polymer 'OXALIC ACID'
8 water water
#
_entity_poly.entity_id   1
_entity_poly.type   'polypeptide(L)'
_entity_poly.pdbx_seq_one_letter_code
;VMTLPRIQDDLYLAVNGEWQAKTPIPPDKSVVSADSNLTDDIRQKLVADLSTMTKTAKTLPLQYAARLFAKANDQTRRQQ
LGIEPVRDRISFLMALTTLDQFRSAMPKLVADQYVLPISPYVDADMHDAEHNILNLGGPDTILPDAAMYNQEDAENAADL
AAWSQMAAAMLAAVGFSQTDQTAYVEAAKRFDRRLADYVPANVDLAVDSTYDNPLSWQAFEDAAGYLGIPQAFATYMPQT
PAKVNAVVPAYLPHLSKLLTPDNYSEWHAWMVINELLTCATYLSDDLRQLAGQYDRFLAGQPEASSWTKHAFGIANEYFD
DVIGQYYGQTYFGADAKADVTAMVKQILAQYRVQLENNTWLSPATKQKAMRKLATMQVKMGYPARLFSLYDHLSVDVDDD
LLTAILKLSAQTQAFWFKQLGQTVDRNQWNMPGHLVNASYDPLKNDITFPAGILQPPYYSLKWTRAENLGGTGATIGHEI
SHSFDNNGALYDEYGNLHNWWTPADKQAFDQLVKAMAAQFDGRDYEGVKVNGTLTVSENMADNAGMDVALALLGDQPDVK
DLQAFFITYARSWATKMRPERAKTVLRQDVHAPATLRVNVPVQNFPAWYQAFNVQPQDGMYRQPQKRLTIWHQ
;
_entity_poly.pdbx_strand_id   A
#
# COMPACT_ATOMS: atom_id res chain seq x y z
N LEU A 4 21.43 26.27 9.67
CA LEU A 4 21.27 24.77 9.60
C LEU A 4 21.81 24.13 10.89
N PRO A 5 21.05 23.23 11.50
CA PRO A 5 21.56 22.61 12.71
C PRO A 5 22.76 21.75 12.47
N ARG A 6 23.60 21.65 13.50
CA ARG A 6 24.65 20.67 13.66
C ARG A 6 24.01 19.27 13.57
N ILE A 7 24.74 18.34 12.98
CA ILE A 7 24.33 16.94 12.79
C ILE A 7 24.07 16.22 14.17
N GLN A 8 24.76 16.70 15.21
CA GLN A 8 24.60 16.27 16.61
C GLN A 8 23.28 16.75 17.22
N ASP A 9 22.67 17.80 16.64
CA ASP A 9 21.42 18.36 17.15
C ASP A 9 20.21 17.93 16.33
N ASP A 10 20.37 17.69 15.03
CA ASP A 10 19.25 17.29 14.15
C ASP A 10 19.84 16.64 12.91
N LEU A 11 19.83 15.33 12.88
CA LEU A 11 20.40 14.64 11.77
C LEU A 11 19.66 14.95 10.47
N TYR A 12 18.33 14.82 10.51
CA TYR A 12 17.52 15.09 9.33
C TYR A 12 17.78 16.47 8.71
N LEU A 13 17.73 17.52 9.52
CA LEU A 13 17.91 18.91 8.97
C LEU A 13 19.39 19.21 8.66
N ALA A 14 20.33 18.66 9.40
CA ALA A 14 21.74 18.87 9.05
C ALA A 14 22.06 18.30 7.68
N VAL A 15 21.41 17.20 7.33
CA VAL A 15 21.59 16.60 6.05
C VAL A 15 20.66 17.17 4.93
N ASN A 16 19.36 17.36 5.25
CA ASN A 16 18.35 17.63 4.23
C ASN A 16 17.84 19.05 4.26
N GLY A 17 18.30 19.84 5.25
CA GLY A 17 17.75 21.20 5.58
C GLY A 17 17.93 22.21 4.45
N GLU A 18 19.05 22.16 3.78
CA GLU A 18 19.26 22.99 2.59
C GLU A 18 18.19 22.69 1.50
N TRP A 19 18.05 21.41 1.14
CA TRP A 19 17.01 20.96 0.20
C TRP A 19 15.58 21.27 0.73
N GLN A 20 15.36 21.06 2.03
CA GLN A 20 14.04 21.18 2.62
C GLN A 20 13.54 22.66 2.48
N ALA A 21 14.46 23.59 2.73
CA ALA A 21 14.04 24.99 2.74
C ALA A 21 13.85 25.53 1.31
N LYS A 22 14.58 25.03 0.30
CA LYS A 22 14.56 25.64 -1.00
C LYS A 22 13.60 25.01 -2.00
N THR A 23 13.11 23.82 -1.68
CA THR A 23 12.45 23.02 -2.69
C THR A 23 10.97 23.35 -2.52
N PRO A 24 10.36 24.00 -3.53
CA PRO A 24 8.89 24.12 -3.52
C PRO A 24 8.20 22.76 -3.73
N ILE A 25 7.07 22.61 -3.11
CA ILE A 25 6.17 21.50 -3.50
C ILE A 25 5.41 21.99 -4.70
N PRO A 26 5.60 21.35 -5.87
CA PRO A 26 4.89 21.66 -7.12
C PRO A 26 3.34 21.60 -6.90
N PRO A 27 2.61 22.46 -7.57
CA PRO A 27 1.13 22.48 -7.36
C PRO A 27 0.40 21.20 -7.76
N ASP A 28 1.05 20.36 -8.58
CA ASP A 28 0.48 19.09 -9.00
C ASP A 28 0.94 17.90 -8.13
N LYS A 29 1.49 18.20 -6.95
CA LYS A 29 1.92 17.20 -5.97
C LYS A 29 1.49 17.59 -4.56
N SER A 30 1.34 16.57 -3.71
CA SER A 30 1.15 16.72 -2.26
C SER A 30 2.46 16.41 -1.48
N VAL A 31 3.46 15.84 -2.15
CA VAL A 31 4.71 15.58 -1.50
C VAL A 31 5.84 15.56 -2.53
N VAL A 32 7.01 16.03 -2.14
CA VAL A 32 8.18 15.87 -2.97
C VAL A 32 9.23 15.24 -2.08
N SER A 33 9.89 14.23 -2.63
CA SER A 33 10.80 13.43 -1.81
C SER A 33 11.85 12.72 -2.67
N ALA A 34 12.85 12.14 -2.01
CA ALA A 34 13.80 11.26 -2.72
C ALA A 34 13.07 10.22 -3.58
N ASP A 35 12.10 9.53 -3.01
CA ASP A 35 11.40 8.51 -3.73
C ASP A 35 10.47 9.04 -4.83
N SER A 36 9.71 10.09 -4.56
CA SER A 36 8.90 10.68 -5.64
C SER A 36 9.73 11.19 -6.79
N ASN A 37 10.87 11.83 -6.53
CA ASN A 37 11.74 12.30 -7.63
C ASN A 37 12.34 11.17 -8.41
N LEU A 38 12.75 10.11 -7.72
CA LEU A 38 13.19 8.93 -8.47
C LEU A 38 12.08 8.29 -9.27
N THR A 39 10.89 8.18 -8.65
CA THR A 39 9.71 7.67 -9.39
C THR A 39 9.42 8.47 -10.71
N ASP A 40 9.52 9.78 -10.62
CA ASP A 40 9.30 10.64 -11.77
C ASP A 40 10.32 10.31 -12.87
N ASP A 41 11.56 10.09 -12.46
CA ASP A 41 12.65 9.77 -13.43
C ASP A 41 12.39 8.45 -14.17
N ILE A 42 12.07 7.43 -13.39
CA ILE A 42 11.65 6.14 -13.91
C ILE A 42 10.48 6.24 -14.88
N ARG A 43 9.43 6.97 -14.48
CA ARG A 43 8.24 7.19 -15.34
C ARG A 43 8.62 7.80 -16.65
N GLN A 44 9.38 8.88 -16.60
CA GLN A 44 9.86 9.51 -17.84
C GLN A 44 10.48 8.54 -18.84
N LYS A 45 11.39 7.70 -18.35
CA LYS A 45 12.09 6.71 -19.19
C LYS A 45 11.13 5.70 -19.74
N LEU A 46 10.25 5.17 -18.89
CA LEU A 46 9.35 4.10 -19.31
C LEU A 46 8.23 4.56 -20.27
N VAL A 47 7.77 5.79 -20.08
CA VAL A 47 6.77 6.36 -21.02
C VAL A 47 7.39 6.47 -22.41
N ALA A 48 8.61 7.00 -22.46
CA ALA A 48 9.38 7.07 -23.70
C ALA A 48 9.46 5.66 -24.33
N ASP A 49 9.80 4.64 -23.53
CA ASP A 49 9.93 3.27 -24.05
C ASP A 49 8.58 2.70 -24.53
N LEU A 50 7.54 2.87 -23.71
CA LEU A 50 6.25 2.29 -24.06
C LEU A 50 5.65 2.96 -25.32
N SER A 51 5.91 4.26 -25.46
CA SER A 51 5.54 4.98 -26.69
C SER A 51 6.08 4.34 -28.00
N THR A 52 7.08 3.45 -27.91
CA THR A 52 7.66 2.78 -29.08
C THR A 52 7.16 1.35 -29.32
N MET A 53 6.11 0.93 -28.63
CA MET A 53 5.80 -0.50 -28.55
C MET A 53 4.40 -0.89 -28.89
N THR A 54 3.62 0.03 -29.43
CA THR A 54 2.27 -0.35 -29.86
C THR A 54 2.18 -1.39 -30.99
N LYS A 55 3.03 -1.21 -32.02
CA LYS A 55 2.84 -1.97 -33.28
C LYS A 55 3.41 -3.37 -33.03
N THR A 56 4.64 -3.36 -32.54
CA THR A 56 5.26 -4.57 -32.06
C THR A 56 5.99 -4.32 -30.71
N ALA A 57 6.15 -5.40 -29.94
CA ALA A 57 6.84 -5.40 -28.62
C ALA A 57 7.47 -6.77 -28.44
N LYS A 58 8.39 -6.85 -27.49
CA LYS A 58 9.15 -8.06 -27.11
C LYS A 58 8.26 -9.27 -26.78
N THR A 59 7.17 -9.02 -26.07
CA THR A 59 6.18 -10.06 -25.81
CA THR A 59 6.16 -10.04 -25.69
C THR A 59 4.77 -9.52 -25.98
N LEU A 60 3.80 -10.38 -25.93
CA LEU A 60 2.37 -10.01 -25.99
C LEU A 60 1.86 -9.18 -24.76
N PRO A 61 2.20 -9.59 -23.54
CA PRO A 61 1.79 -8.76 -22.40
C PRO A 61 2.37 -7.35 -22.46
N LEU A 62 3.61 -7.22 -22.94
CA LEU A 62 4.21 -5.90 -23.12
C LEU A 62 3.49 -5.10 -24.20
N GLN A 63 3.12 -5.75 -25.30
CA GLN A 63 2.24 -5.10 -26.28
C GLN A 63 0.94 -4.63 -25.66
N TYR A 64 0.33 -5.47 -24.85
CA TYR A 64 -0.89 -5.01 -24.19
C TYR A 64 -0.69 -3.81 -23.28
N ALA A 65 0.45 -3.82 -22.55
CA ALA A 65 0.81 -2.72 -21.66
C ALA A 65 0.95 -1.43 -22.44
N ALA A 66 1.68 -1.51 -23.55
CA ALA A 66 1.85 -0.35 -24.47
C ALA A 66 0.52 0.13 -25.03
N ARG A 67 -0.38 -0.80 -25.32
CA ARG A 67 -1.68 -0.45 -25.89
C ARG A 67 -2.49 0.26 -24.87
N LEU A 68 -2.45 -0.23 -23.62
CA LEU A 68 -3.24 0.41 -22.56
C LEU A 68 -2.70 1.80 -22.26
N PHE A 69 -1.37 1.91 -22.23
CA PHE A 69 -0.83 3.23 -22.01
C PHE A 69 -1.24 4.20 -23.15
N ALA A 70 -1.23 3.70 -24.38
CA ALA A 70 -1.61 4.56 -25.55
C ALA A 70 -3.07 5.07 -25.41
N LYS A 71 -3.97 4.18 -25.00
CA LYS A 71 -5.34 4.56 -24.74
C LYS A 71 -5.41 5.57 -23.64
N ALA A 72 -4.75 5.27 -22.53
CA ALA A 72 -4.79 6.18 -21.39
C ALA A 72 -4.17 7.54 -21.78
N ASN A 73 -3.15 7.50 -22.63
CA ASN A 73 -2.46 8.74 -22.97
C ASN A 73 -3.13 9.55 -24.08
N ASP A 74 -4.18 9.02 -24.70
CA ASP A 74 -4.83 9.69 -25.82
C ASP A 74 -5.79 10.81 -25.31
N GLN A 75 -5.18 11.93 -24.99
CA GLN A 75 -5.94 13.11 -24.43
C GLN A 75 -7.02 13.54 -25.42
N THR A 76 -6.69 13.48 -26.71
CA THR A 76 -7.63 13.93 -27.76
C THR A 76 -8.88 13.10 -27.74
N ARG A 77 -8.70 11.78 -27.85
CA ARG A 77 -9.87 10.89 -27.85
CA ARG A 77 -9.89 10.91 -27.88
C ARG A 77 -10.67 11.02 -26.57
N ARG A 78 -9.96 11.07 -25.44
CA ARG A 78 -10.63 11.03 -24.17
C ARG A 78 -11.48 12.32 -24.00
N GLN A 79 -10.95 13.42 -24.52
CA GLN A 79 -11.66 14.73 -24.54
C GLN A 79 -12.88 14.66 -25.43
N GLN A 80 -12.70 14.13 -26.65
CA GLN A 80 -13.80 14.03 -27.60
C GLN A 80 -14.94 13.17 -27.07
N LEU A 81 -14.62 12.08 -26.37
CA LEU A 81 -15.67 11.20 -25.86
C LEU A 81 -16.43 11.77 -24.68
N GLY A 82 -15.71 12.48 -23.82
CA GLY A 82 -16.28 13.12 -22.64
C GLY A 82 -16.85 12.07 -21.69
N ILE A 83 -18.08 12.35 -21.25
CA ILE A 83 -18.77 11.50 -20.31
C ILE A 83 -19.56 10.40 -21.03
N GLU A 84 -19.67 10.47 -22.35
CA GLU A 84 -20.51 9.56 -23.13
C GLU A 84 -20.30 8.07 -22.78
N PRO A 85 -19.04 7.62 -22.74
CA PRO A 85 -18.78 6.22 -22.42
C PRO A 85 -19.43 5.65 -21.16
N VAL A 86 -19.77 6.49 -20.18
CA VAL A 86 -20.39 6.03 -18.91
C VAL A 86 -21.91 6.07 -18.97
N ARG A 87 -22.49 6.83 -19.91
CA ARG A 87 -23.93 7.15 -19.79
C ARG A 87 -24.86 5.89 -19.68
N ASP A 88 -24.59 4.84 -20.46
CA ASP A 88 -25.45 3.65 -20.44
C ASP A 88 -25.32 2.86 -19.13
N ARG A 89 -24.12 2.87 -18.54
CA ARG A 89 -23.94 2.35 -17.19
C ARG A 89 -24.77 3.11 -16.16
N ILE A 90 -24.75 4.43 -16.22
CA ILE A 90 -25.56 5.20 -15.26
C ILE A 90 -27.10 4.96 -15.49
N SER A 91 -27.54 4.97 -16.75
CA SER A 91 -28.97 4.62 -17.07
C SER A 91 -29.41 3.27 -16.50
N PHE A 92 -28.56 2.26 -16.71
CA PHE A 92 -28.76 0.94 -16.06
C PHE A 92 -28.93 1.01 -14.54
N LEU A 93 -28.00 1.66 -13.81
CA LEU A 93 -28.15 1.73 -12.36
C LEU A 93 -29.42 2.54 -11.97
N MET A 94 -29.72 3.56 -12.75
CA MET A 94 -30.84 4.41 -12.44
C MET A 94 -32.20 3.68 -12.65
N ALA A 95 -32.23 2.64 -13.49
CA ALA A 95 -33.44 1.84 -13.63
C ALA A 95 -33.63 0.81 -12.47
N LEU A 96 -32.62 0.69 -11.59
CA LEU A 96 -32.67 -0.22 -10.42
C LEU A 96 -33.14 0.62 -9.26
N THR A 97 -34.47 0.77 -9.18
CA THR A 97 -35.12 1.70 -8.25
C THR A 97 -35.45 1.01 -6.95
N THR A 98 -35.45 -0.32 -6.93
CA THR A 98 -35.74 -1.04 -5.71
C THR A 98 -34.72 -2.12 -5.43
N LEU A 99 -34.71 -2.57 -4.17
CA LEU A 99 -33.81 -3.61 -3.75
C LEU A 99 -34.04 -4.90 -4.52
N ASP A 100 -35.30 -5.22 -4.83
CA ASP A 100 -35.57 -6.46 -5.55
C ASP A 100 -35.11 -6.38 -7.00
N GLN A 101 -35.19 -5.21 -7.61
CA GLN A 101 -34.65 -5.08 -8.96
C GLN A 101 -33.12 -5.17 -8.92
N PHE A 102 -32.49 -4.61 -7.89
CA PHE A 102 -31.04 -4.70 -7.71
C PHE A 102 -30.66 -6.18 -7.61
N ARG A 103 -31.35 -6.92 -6.75
CA ARG A 103 -31.07 -8.34 -6.59
C ARG A 103 -31.21 -9.09 -7.90
N SER A 104 -32.32 -8.82 -8.60
CA SER A 104 -32.62 -9.50 -9.85
C SER A 104 -31.56 -9.19 -10.95
N ALA A 105 -31.00 -7.98 -10.93
CA ALA A 105 -29.92 -7.61 -11.89
C ALA A 105 -28.50 -8.10 -11.45
N MET A 106 -28.41 -8.78 -10.33
CA MET A 106 -27.08 -9.04 -9.76
C MET A 106 -26.12 -9.80 -10.69
N PRO A 107 -26.63 -10.79 -11.46
CA PRO A 107 -25.71 -11.40 -12.43
C PRO A 107 -25.07 -10.41 -13.43
N LYS A 108 -25.84 -9.46 -13.94
CA LYS A 108 -25.25 -8.44 -14.83
C LYS A 108 -24.30 -7.49 -14.07
N LEU A 109 -24.73 -7.06 -12.90
CA LEU A 109 -23.90 -6.14 -12.09
C LEU A 109 -22.52 -6.75 -11.80
N VAL A 110 -22.53 -8.03 -11.42
CA VAL A 110 -21.29 -8.76 -11.15
C VAL A 110 -20.49 -8.94 -12.47
N ALA A 111 -21.18 -9.32 -13.56
CA ALA A 111 -20.51 -9.56 -14.79
C ALA A 111 -19.86 -8.27 -15.31
N ASP A 112 -20.57 -7.14 -15.18
CA ASP A 112 -20.22 -5.88 -15.89
C ASP A 112 -19.44 -4.94 -14.95
N GLN A 113 -18.93 -5.49 -13.84
CA GLN A 113 -17.93 -4.83 -12.99
C GLN A 113 -18.44 -3.54 -12.31
N TYR A 114 -19.72 -3.54 -11.89
CA TYR A 114 -20.31 -2.41 -11.23
C TYR A 114 -19.84 -2.33 -9.81
N VAL A 115 -19.93 -1.13 -9.25
CA VAL A 115 -19.81 -0.91 -7.81
C VAL A 115 -20.90 -1.67 -7.03
N LEU A 116 -20.47 -2.52 -6.13
CA LEU A 116 -21.39 -3.41 -5.35
C LEU A 116 -21.07 -3.27 -3.88
N PRO A 117 -22.00 -3.65 -2.99
CA PRO A 117 -21.72 -3.51 -1.58
C PRO A 117 -20.75 -4.57 -1.07
N ILE A 118 -20.40 -5.53 -1.90
CA ILE A 118 -19.28 -6.40 -1.57
C ILE A 118 -18.40 -6.64 -2.78
N SER A 119 -17.08 -6.61 -2.56
CA SER A 119 -16.16 -6.93 -3.61
C SER A 119 -15.20 -8.05 -3.19
N PRO A 120 -14.87 -8.91 -4.15
CA PRO A 120 -14.07 -10.07 -3.93
C PRO A 120 -12.60 -9.80 -4.15
N TYR A 121 -11.74 -10.31 -3.25
CA TYR A 121 -10.29 -10.35 -3.51
C TYR A 121 -9.79 -11.71 -3.05
N VAL A 122 -8.90 -12.28 -3.85
CA VAL A 122 -8.35 -13.59 -3.58
C VAL A 122 -6.89 -13.51 -3.18
N ASP A 123 -6.58 -14.09 -2.02
CA ASP A 123 -5.18 -14.25 -1.62
C ASP A 123 -5.06 -15.40 -0.63
N ALA A 124 -3.86 -15.59 -0.06
CA ALA A 124 -3.70 -16.72 0.87
C ALA A 124 -4.56 -16.63 2.15
N ASP A 125 -5.00 -17.82 2.59
CA ASP A 125 -5.66 -18.01 3.80
C ASP A 125 -4.58 -17.88 4.86
N MET A 126 -4.89 -17.06 5.85
CA MET A 126 -4.06 -16.80 7.01
C MET A 126 -3.98 -18.01 7.95
N HIS A 127 -4.92 -18.93 7.81
CA HIS A 127 -4.85 -20.16 8.60
C HIS A 127 -4.51 -21.34 7.74
N ASP A 128 -4.11 -21.08 6.49
CA ASP A 128 -3.65 -22.10 5.56
C ASP A 128 -3.07 -21.45 4.29
N ALA A 129 -1.85 -20.94 4.44
CA ALA A 129 -1.19 -20.02 3.52
C ALA A 129 -0.80 -20.72 2.27
N GLU A 130 -0.89 -22.05 2.28
CA GLU A 130 -0.65 -22.80 1.05
C GLU A 130 -1.78 -22.62 -0.01
N HIS A 131 -2.97 -22.19 0.43
CA HIS A 131 -4.13 -22.11 -0.48
C HIS A 131 -4.80 -20.72 -0.48
N ASN A 132 -5.35 -20.36 -1.63
CA ASN A 132 -6.14 -19.14 -1.75
C ASN A 132 -7.51 -19.23 -1.06
N ILE A 133 -7.96 -18.10 -0.59
CA ILE A 133 -9.27 -17.92 -0.06
C ILE A 133 -9.89 -16.65 -0.69
N LEU A 134 -11.21 -16.65 -0.77
CA LEU A 134 -12.00 -15.49 -1.16
C LEU A 134 -12.20 -14.58 0.00
N ASN A 135 -11.69 -13.34 -0.14
CA ASN A 135 -11.97 -12.27 0.80
C ASN A 135 -13.09 -11.37 0.33
N LEU A 136 -13.91 -10.96 1.27
CA LEU A 136 -15.12 -10.20 0.98
C LEU A 136 -14.93 -8.84 1.56
N GLY A 137 -14.62 -7.88 0.66
CA GLY A 137 -14.40 -6.52 1.08
C GLY A 137 -15.66 -5.69 0.88
N GLY A 138 -15.71 -4.50 1.48
CA GLY A 138 -16.76 -3.58 1.24
C GLY A 138 -16.31 -2.13 1.05
N PRO A 139 -17.28 -1.21 1.11
CA PRO A 139 -16.98 0.19 0.84
C PRO A 139 -16.15 0.84 1.93
N ASP A 140 -15.39 1.85 1.55
CA ASP A 140 -14.73 2.76 2.46
C ASP A 140 -15.66 3.93 2.77
N THR A 141 -15.37 4.60 3.88
CA THR A 141 -16.04 5.82 4.32
C THR A 141 -15.51 7.05 3.60
N ILE A 142 -16.30 8.12 3.55
CA ILE A 142 -15.84 9.38 2.97
C ILE A 142 -14.79 10.06 3.89
N LEU A 143 -15.07 10.11 5.19
CA LEU A 143 -14.06 10.60 6.12
C LEU A 143 -12.86 9.66 6.12
N PRO A 144 -11.65 10.24 6.27
CA PRO A 144 -10.40 9.47 6.15
C PRO A 144 -10.11 8.56 7.32
N ASP A 145 -10.97 8.58 8.34
CA ASP A 145 -10.92 7.54 9.37
C ASP A 145 -12.33 7.27 9.83
N ALA A 146 -12.73 6.00 9.92
CA ALA A 146 -14.11 5.71 10.38
C ALA A 146 -14.31 6.22 11.82
N ALA A 147 -13.25 6.28 12.63
CA ALA A 147 -13.35 6.81 13.99
C ALA A 147 -13.79 8.24 14.08
N MET A 148 -13.69 8.98 12.98
CA MET A 148 -14.07 10.38 12.96
C MET A 148 -15.55 10.57 13.19
N TYR A 149 -16.34 9.58 12.77
CA TYR A 149 -17.81 9.68 12.87
C TYR A 149 -18.31 9.68 14.32
N ASN A 150 -17.48 9.19 15.24
CA ASN A 150 -17.75 9.22 16.66
C ASN A 150 -17.90 10.62 17.18
N GLN A 151 -17.20 11.60 16.57
CA GLN A 151 -17.27 13.00 17.03
C GLN A 151 -17.79 13.94 15.95
N GLU A 152 -18.99 14.48 16.14
CA GLU A 152 -19.55 15.52 15.27
C GLU A 152 -18.78 16.84 15.46
N ASP A 153 -18.06 17.28 14.43
CA ASP A 153 -17.35 18.54 14.48
C ASP A 153 -17.23 19.26 13.11
N ALA A 154 -16.46 20.36 13.08
CA ALA A 154 -16.32 21.21 11.90
C ALA A 154 -15.42 20.64 10.82
N GLU A 155 -14.36 19.95 11.23
CA GLU A 155 -13.51 19.24 10.27
C GLU A 155 -14.30 18.15 9.50
N ASN A 156 -15.17 17.40 10.20
CA ASN A 156 -15.97 16.36 9.56
C ASN A 156 -16.91 17.05 8.57
N ALA A 157 -17.52 18.13 9.03
CA ALA A 157 -18.43 18.88 8.16
C ALA A 157 -17.70 19.44 6.94
N ALA A 158 -16.51 19.96 7.14
CA ALA A 158 -15.75 20.48 6.03
C ALA A 158 -15.40 19.38 5.04
N ASP A 159 -15.07 18.20 5.56
CA ASP A 159 -14.66 17.10 4.66
C ASP A 159 -15.85 16.60 3.85
N LEU A 160 -17.00 16.45 4.52
CA LEU A 160 -18.23 16.05 3.86
C LEU A 160 -18.69 17.07 2.82
N ALA A 161 -18.55 18.36 3.14
CA ALA A 161 -18.85 19.42 2.16
C ALA A 161 -17.95 19.37 0.95
N ALA A 162 -16.67 19.03 1.12
CA ALA A 162 -15.74 18.92 -0.03
C ALA A 162 -16.16 17.77 -0.92
N TRP A 163 -16.51 16.66 -0.29
CA TRP A 163 -16.89 15.49 -1.05
C TRP A 163 -18.23 15.77 -1.78
N SER A 164 -19.15 16.40 -1.06
CA SER A 164 -20.49 16.67 -1.57
C SER A 164 -20.39 17.53 -2.81
N GLN A 165 -19.48 18.49 -2.77
CA GLN A 165 -19.26 19.42 -3.87
C GLN A 165 -18.76 18.68 -5.11
N MET A 166 -17.82 17.77 -4.90
CA MET A 166 -17.34 16.90 -5.99
C MET A 166 -18.46 16.02 -6.58
N ALA A 167 -19.15 15.30 -5.70
CA ALA A 167 -20.18 14.38 -6.10
C ALA A 167 -21.29 15.04 -6.85
N ALA A 168 -21.75 16.20 -6.38
CA ALA A 168 -22.80 16.95 -7.06
C ALA A 168 -22.37 17.41 -8.44
N ALA A 169 -21.11 17.83 -8.58
CA ALA A 169 -20.61 18.26 -9.87
C ALA A 169 -20.48 17.06 -10.83
N MET A 170 -20.20 15.88 -10.30
CA MET A 170 -20.07 14.68 -11.16
C MET A 170 -21.44 14.25 -11.68
N LEU A 171 -22.45 14.33 -10.80
CA LEU A 171 -23.82 14.05 -11.22
C LEU A 171 -24.32 15.09 -12.23
N ALA A 172 -23.95 16.36 -12.03
CA ALA A 172 -24.31 17.42 -12.97
C ALA A 172 -23.71 17.14 -14.35
N ALA A 173 -22.53 16.51 -14.37
CA ALA A 173 -21.85 16.23 -15.62
C ALA A 173 -22.60 15.22 -16.42
N VAL A 174 -23.32 14.37 -15.75
CA VAL A 174 -24.04 13.37 -16.50
C VAL A 174 -25.53 13.78 -16.67
N GLY A 175 -25.93 15.00 -16.23
CA GLY A 175 -27.25 15.60 -16.53
C GLY A 175 -28.23 15.60 -15.38
N PHE A 176 -27.78 15.26 -14.16
CA PHE A 176 -28.68 15.36 -12.99
C PHE A 176 -29.04 16.83 -12.75
N SER A 177 -30.32 17.07 -12.42
CA SER A 177 -30.78 18.40 -11.97
C SER A 177 -30.18 18.78 -10.64
N GLN A 178 -30.11 20.10 -10.38
CA GLN A 178 -29.78 20.61 -9.03
C GLN A 178 -30.51 19.83 -7.92
N THR A 179 -31.80 19.61 -8.11
CA THR A 179 -32.62 18.88 -7.13
C THR A 179 -32.16 17.44 -6.93
N ASP A 180 -31.87 16.74 -8.02
CA ASP A 180 -31.47 15.35 -7.90
C ASP A 180 -30.04 15.29 -7.38
N GLN A 181 -29.19 16.27 -7.75
CA GLN A 181 -27.82 16.31 -7.22
C GLN A 181 -27.88 16.32 -5.71
N THR A 182 -28.63 17.29 -5.19
CA THR A 182 -28.73 17.44 -3.76
C THR A 182 -29.31 16.22 -3.12
N ALA A 183 -30.39 15.69 -3.68
CA ALA A 183 -31.06 14.52 -3.12
C ALA A 183 -30.14 13.30 -3.07
N TYR A 184 -29.42 13.07 -4.16
CA TYR A 184 -28.51 11.94 -4.26
C TYR A 184 -27.35 12.12 -3.30
N VAL A 185 -26.74 13.30 -3.26
CA VAL A 185 -25.60 13.47 -2.37
C VAL A 185 -25.99 13.30 -0.88
N GLU A 186 -27.13 13.86 -0.52
CA GLU A 186 -27.59 13.73 0.85
C GLU A 186 -27.87 12.25 1.21
N ALA A 187 -28.60 11.56 0.32
CA ALA A 187 -28.92 10.10 0.44
C ALA A 187 -27.68 9.21 0.58
N ALA A 188 -26.72 9.47 -0.28
CA ALA A 188 -25.39 8.83 -0.18
C ALA A 188 -24.66 9.06 1.17
N LYS A 189 -24.66 10.29 1.69
CA LYS A 189 -24.03 10.55 2.96
C LYS A 189 -24.72 9.75 4.06
N ARG A 190 -26.03 9.57 3.92
CA ARG A 190 -26.77 8.83 4.89
C ARG A 190 -26.32 7.37 4.91
N PHE A 191 -26.06 6.77 3.73
CA PHE A 191 -25.50 5.41 3.73
C PHE A 191 -24.08 5.39 4.37
N ASP A 192 -23.27 6.36 3.97
CA ASP A 192 -21.91 6.52 4.46
C ASP A 192 -21.88 6.63 5.98
N ARG A 193 -22.77 7.43 6.58
CA ARG A 193 -22.83 7.57 8.02
C ARG A 193 -23.16 6.21 8.69
N ARG A 194 -24.07 5.45 8.10
CA ARG A 194 -24.45 4.14 8.68
C ARG A 194 -23.40 3.07 8.48
N LEU A 195 -22.76 3.11 7.31
CA LEU A 195 -21.57 2.30 7.01
C LEU A 195 -20.47 2.46 8.05
N ALA A 196 -20.22 3.71 8.45
CA ALA A 196 -19.10 4.01 9.34
C ALA A 196 -19.16 3.28 10.69
N ASP A 197 -20.37 3.00 11.18
CA ASP A 197 -20.52 2.22 12.39
C ASP A 197 -19.93 0.78 12.33
N TYR A 198 -19.69 0.25 11.15
CA TYR A 198 -19.25 -1.14 10.98
C TYR A 198 -17.89 -1.24 10.25
N VAL A 199 -17.20 -0.11 10.14
CA VAL A 199 -15.84 -0.03 9.58
C VAL A 199 -14.84 0.19 10.72
N PRO A 200 -13.79 -0.63 10.80
CA PRO A 200 -12.78 -0.44 11.88
C PRO A 200 -12.09 0.94 11.80
N ALA A 201 -11.79 1.48 12.97
CA ALA A 201 -10.93 2.67 13.05
C ALA A 201 -9.60 2.32 12.38
N ASN A 202 -8.97 3.34 11.82
CA ASN A 202 -7.67 3.19 11.23
C ASN A 202 -6.67 2.51 12.14
N VAL A 203 -6.63 2.81 13.43
CA VAL A 203 -5.64 2.15 14.31
CA VAL A 203 -5.59 2.16 14.26
C VAL A 203 -5.81 0.66 14.29
N ASP A 204 -7.06 0.23 14.17
CA ASP A 204 -7.34 -1.20 14.20
C ASP A 204 -6.97 -1.87 12.91
N LEU A 205 -7.08 -1.13 11.84
CA LEU A 205 -6.60 -1.59 10.52
C LEU A 205 -5.08 -1.80 10.43
N ALA A 206 -4.33 -1.29 11.40
CA ALA A 206 -2.89 -1.49 11.48
C ALA A 206 -2.51 -2.87 12.10
N VAL A 207 -3.51 -3.62 12.59
CA VAL A 207 -3.25 -4.99 13.13
C VAL A 207 -3.91 -6.10 12.35
N ASP A 208 -3.12 -7.12 12.05
CA ASP A 208 -3.49 -8.12 11.07
C ASP A 208 -4.71 -8.90 11.49
N SER A 209 -4.86 -9.11 12.78
CA SER A 209 -5.93 -9.93 13.31
C SER A 209 -7.32 -9.33 13.02
N THR A 210 -7.39 -8.03 12.81
CA THR A 210 -8.55 -7.34 12.27
C THR A 210 -9.12 -7.94 10.97
N TYR A 211 -8.26 -8.56 10.14
CA TYR A 211 -8.65 -9.08 8.82
C TYR A 211 -8.91 -10.62 8.82
N ASP A 212 -8.91 -11.25 9.99
CA ASP A 212 -8.97 -12.70 10.09
C ASP A 212 -10.39 -12.99 10.52
N ASN A 213 -11.30 -13.10 9.56
CA ASN A 213 -12.74 -13.12 9.88
C ASN A 213 -13.39 -14.23 9.08
N PRO A 214 -12.92 -15.48 9.29
CA PRO A 214 -13.43 -16.56 8.44
C PRO A 214 -14.91 -16.82 8.69
N LEU A 215 -15.61 -17.29 7.66
CA LEU A 215 -17.04 -17.70 7.76
C LEU A 215 -17.31 -18.76 6.70
N SER A 216 -18.29 -19.62 6.96
CA SER A 216 -18.61 -20.68 6.00
C SER A 216 -19.32 -20.04 4.83
N TRP A 217 -19.31 -20.73 3.71
CA TRP A 217 -20.13 -20.33 2.57
C TRP A 217 -21.61 -20.19 2.92
N GLN A 218 -22.12 -21.02 3.82
CA GLN A 218 -23.53 -20.92 4.22
C GLN A 218 -23.80 -19.59 4.96
N ALA A 219 -22.87 -19.23 5.81
CA ALA A 219 -22.99 -18.00 6.59
C ALA A 219 -22.95 -16.79 5.67
N PHE A 220 -22.13 -16.86 4.59
CA PHE A 220 -22.09 -15.82 3.51
C PHE A 220 -23.47 -15.69 2.84
N GLU A 221 -24.03 -16.84 2.44
CA GLU A 221 -25.42 -16.90 1.96
C GLU A 221 -26.39 -16.32 2.99
N ASP A 222 -26.27 -16.73 4.25
CA ASP A 222 -27.11 -16.12 5.27
C ASP A 222 -26.91 -14.60 5.33
N ALA A 223 -25.67 -14.10 5.20
CA ALA A 223 -25.45 -12.65 5.28
C ALA A 223 -25.76 -11.82 3.99
N ALA A 224 -25.70 -12.42 2.81
CA ALA A 224 -25.70 -11.71 1.50
C ALA A 224 -26.58 -12.34 0.35
N GLY A 225 -27.14 -13.50 0.58
CA GLY A 225 -27.95 -14.22 -0.45
C GLY A 225 -29.18 -13.44 -0.84
N TYR A 226 -29.69 -12.59 0.05
CA TYR A 226 -30.86 -11.80 -0.26
C TYR A 226 -30.57 -10.80 -1.39
N LEU A 227 -29.28 -10.51 -1.65
CA LEU A 227 -28.86 -9.68 -2.78
C LEU A 227 -28.42 -10.47 -4.01
N GLY A 228 -28.36 -11.79 -3.86
CA GLY A 228 -28.02 -12.63 -4.98
C GLY A 228 -26.51 -12.61 -5.25
N ILE A 229 -25.75 -12.00 -4.33
CA ILE A 229 -24.29 -11.85 -4.56
C ILE A 229 -23.50 -13.15 -4.51
N PRO A 230 -23.65 -13.93 -3.42
CA PRO A 230 -22.94 -15.22 -3.35
C PRO A 230 -23.22 -16.17 -4.54
N GLN A 231 -24.50 -16.20 -4.96
CA GLN A 231 -24.95 -16.96 -6.13
C GLN A 231 -24.28 -16.51 -7.44
N ALA A 232 -24.29 -15.20 -7.67
CA ALA A 232 -23.56 -14.65 -8.82
C ALA A 232 -22.06 -15.05 -8.75
N PHE A 233 -21.44 -14.84 -7.59
CA PHE A 233 -20.01 -15.14 -7.51
C PHE A 233 -19.76 -16.61 -7.81
N ALA A 234 -20.66 -17.46 -7.35
CA ALA A 234 -20.47 -18.92 -7.44
C ALA A 234 -20.52 -19.38 -8.88
N THR A 235 -21.22 -18.68 -9.74
CA THR A 235 -21.20 -19.10 -11.11
C THR A 235 -19.81 -19.06 -11.75
N TYR A 236 -18.86 -18.33 -11.17
CA TYR A 236 -17.51 -18.15 -11.79
C TYR A 236 -16.47 -19.13 -11.30
N MET A 237 -16.86 -19.92 -10.32
CA MET A 237 -16.00 -20.91 -9.70
C MET A 237 -16.39 -22.33 -10.17
N PRO A 238 -15.42 -23.25 -10.30
CA PRO A 238 -15.73 -24.68 -10.52
C PRO A 238 -16.57 -25.30 -9.38
N GLN A 239 -16.11 -25.09 -8.13
CA GLN A 239 -16.89 -25.41 -6.93
C GLN A 239 -16.98 -24.18 -6.05
N THR A 240 -17.93 -24.17 -5.17
CA THR A 240 -18.04 -23.15 -4.14
C THR A 240 -17.11 -23.56 -3.02
N PRO A 241 -16.35 -22.62 -2.42
CA PRO A 241 -15.45 -23.07 -1.33
C PRO A 241 -16.23 -23.31 -0.06
N ALA A 242 -15.63 -24.05 0.87
CA ALA A 242 -16.26 -24.28 2.17
C ALA A 242 -16.18 -23.05 3.07
N LYS A 243 -15.07 -22.31 2.96
CA LYS A 243 -14.81 -21.21 3.83
C LYS A 243 -14.44 -19.96 3.03
N VAL A 244 -14.93 -18.81 3.49
CA VAL A 244 -14.52 -17.54 2.94
C VAL A 244 -14.07 -16.63 4.12
N ASN A 245 -13.61 -15.41 3.79
CA ASN A 245 -13.10 -14.51 4.82
C ASN A 245 -13.64 -13.08 4.62
N ALA A 246 -14.30 -12.53 5.63
CA ALA A 246 -14.73 -11.13 5.65
C ALA A 246 -13.51 -10.24 5.91
N VAL A 247 -13.36 -9.18 5.13
CA VAL A 247 -12.13 -8.36 5.29
C VAL A 247 -12.08 -7.69 6.66
N VAL A 248 -13.23 -7.18 7.14
CA VAL A 248 -13.30 -6.54 8.42
C VAL A 248 -14.36 -7.30 9.24
N PRO A 249 -14.34 -7.15 10.57
CA PRO A 249 -15.22 -7.99 11.41
C PRO A 249 -16.74 -7.76 11.27
N ALA A 250 -17.17 -6.52 11.15
CA ALA A 250 -18.52 -6.17 11.51
C ALA A 250 -19.44 -5.80 10.32
N TYR A 251 -18.85 -5.62 9.14
CA TYR A 251 -19.57 -5.04 8.02
C TYR A 251 -20.52 -6.07 7.40
N LEU A 252 -19.93 -7.18 6.95
CA LEU A 252 -20.70 -8.20 6.27
C LEU A 252 -21.90 -8.72 7.11
N PRO A 253 -21.68 -9.06 8.41
CA PRO A 253 -22.78 -9.45 9.28
C PRO A 253 -23.92 -8.45 9.38
N HIS A 254 -23.61 -7.17 9.23
CA HIS A 254 -24.55 -6.09 9.37
C HIS A 254 -25.07 -5.62 8.03
N LEU A 255 -24.65 -6.27 6.96
CA LEU A 255 -25.05 -5.82 5.61
C LEU A 255 -26.60 -5.84 5.49
N SER A 256 -27.23 -6.85 6.11
CA SER A 256 -28.70 -6.95 6.01
C SER A 256 -29.43 -5.90 6.84
N LYS A 257 -28.74 -5.21 7.74
CA LYS A 257 -29.29 -4.01 8.32
C LYS A 257 -28.99 -2.75 7.45
N LEU A 258 -27.78 -2.72 6.88
CA LEU A 258 -27.32 -1.60 6.15
C LEU A 258 -28.08 -1.40 4.85
N LEU A 259 -28.53 -2.50 4.25
CA LEU A 259 -29.14 -2.49 2.92
C LEU A 259 -30.46 -3.33 2.97
N THR A 260 -31.54 -2.60 3.24
CA THR A 260 -32.91 -3.16 3.32
C THR A 260 -33.77 -2.59 2.18
N PRO A 261 -34.98 -3.15 2.00
CA PRO A 261 -35.83 -2.52 1.01
C PRO A 261 -36.17 -1.05 1.35
N ASP A 262 -36.26 -0.70 2.63
CA ASP A 262 -36.66 0.65 3.06
C ASP A 262 -35.53 1.62 2.86
N ASN A 263 -34.29 1.24 3.17
CA ASN A 263 -33.20 2.22 2.98
C ASN A 263 -32.38 1.97 1.70
N TYR A 264 -32.91 1.14 0.79
CA TYR A 264 -32.22 0.89 -0.45
C TYR A 264 -31.79 2.15 -1.21
N SER A 265 -32.63 3.18 -1.18
CA SER A 265 -32.43 4.38 -1.95
CA SER A 265 -32.39 4.40 -1.95
C SER A 265 -31.10 5.12 -1.56
N GLU A 266 -30.69 4.99 -0.32
CA GLU A 266 -29.42 5.54 0.18
C GLU A 266 -28.21 4.80 -0.42
N TRP A 267 -28.20 3.47 -0.31
CA TRP A 267 -27.24 2.65 -1.08
C TRP A 267 -27.24 3.02 -2.58
N HIS A 268 -28.44 3.17 -3.17
CA HIS A 268 -28.55 3.36 -4.57
C HIS A 268 -27.89 4.65 -5.02
N ALA A 269 -28.02 5.69 -4.19
CA ALA A 269 -27.44 6.99 -4.43
C ALA A 269 -25.90 6.90 -4.35
N TRP A 270 -25.43 6.19 -3.36
CA TRP A 270 -24.01 6.03 -3.11
C TRP A 270 -23.39 5.24 -4.28
N MET A 271 -24.09 4.20 -4.72
CA MET A 271 -23.64 3.33 -5.76
C MET A 271 -23.50 4.09 -7.08
N VAL A 272 -24.54 4.85 -7.41
CA VAL A 272 -24.52 5.72 -8.58
C VAL A 272 -23.39 6.76 -8.55
N ILE A 273 -23.25 7.48 -7.46
CA ILE A 273 -22.17 8.43 -7.35
C ILE A 273 -20.80 7.72 -7.48
N ASN A 274 -20.62 6.62 -6.78
CA ASN A 274 -19.35 5.91 -6.88
C ASN A 274 -19.05 5.23 -8.20
N GLU A 275 -20.07 4.74 -8.88
CA GLU A 275 -19.83 4.25 -10.23
C GLU A 275 -19.29 5.36 -11.14
N LEU A 276 -19.92 6.51 -11.09
CA LEU A 276 -19.49 7.65 -11.89
C LEU A 276 -18.07 8.06 -11.54
N LEU A 277 -17.80 8.18 -10.24
CA LEU A 277 -16.48 8.62 -9.79
C LEU A 277 -15.40 7.65 -10.23
N THR A 278 -15.69 6.35 -10.08
CA THR A 278 -14.78 5.35 -10.50
C THR A 278 -14.52 5.37 -12.01
N CYS A 279 -15.57 5.46 -12.82
CA CYS A 279 -15.37 5.37 -14.25
C CYS A 279 -14.73 6.70 -14.78
N ALA A 280 -15.03 7.79 -14.09
CA ALA A 280 -14.58 9.14 -14.46
C ALA A 280 -13.05 9.22 -14.62
N THR A 281 -12.36 8.36 -13.90
CA THR A 281 -10.90 8.30 -13.99
C THR A 281 -10.41 7.98 -15.39
N TYR A 282 -11.30 7.30 -16.14
CA TYR A 282 -10.97 6.88 -17.52
C TYR A 282 -11.58 7.67 -18.63
N LEU A 283 -12.24 8.77 -18.25
CA LEU A 283 -12.96 9.62 -19.20
C LEU A 283 -12.12 10.83 -19.56
N SER A 284 -12.69 12.03 -19.75
CA SER A 284 -11.91 13.19 -20.24
C SER A 284 -10.97 13.65 -19.13
N ASP A 285 -10.00 14.49 -19.49
CA ASP A 285 -9.11 15.07 -18.53
C ASP A 285 -9.94 15.83 -17.48
N ASP A 286 -10.95 16.59 -17.90
CA ASP A 286 -11.78 17.35 -16.93
C ASP A 286 -12.44 16.42 -15.95
N LEU A 287 -12.97 15.30 -16.44
CA LEU A 287 -13.71 14.43 -15.57
C LEU A 287 -12.77 13.68 -14.62
N ARG A 288 -11.58 13.29 -15.09
CA ARG A 288 -10.66 12.57 -14.18
C ARG A 288 -10.17 13.50 -13.09
N GLN A 289 -10.00 14.77 -13.45
CA GLN A 289 -9.61 15.77 -12.50
C GLN A 289 -10.70 15.97 -11.48
N LEU A 290 -11.96 16.07 -11.95
CA LEU A 290 -13.08 16.26 -11.06
C LEU A 290 -13.12 15.11 -10.01
N ALA A 291 -12.94 13.88 -10.47
CA ALA A 291 -12.97 12.71 -9.59
C ALA A 291 -11.87 12.66 -8.53
N GLY A 292 -10.78 13.41 -8.68
CA GLY A 292 -9.78 13.52 -7.63
C GLY A 292 -9.89 14.77 -6.76
N GLN A 293 -10.89 15.62 -6.97
CA GLN A 293 -11.06 16.85 -6.17
C GLN A 293 -11.06 16.68 -4.65
N TYR A 294 -11.79 15.70 -4.17
CA TYR A 294 -11.87 15.46 -2.74
C TYR A 294 -10.53 15.01 -2.15
N ASP A 295 -9.85 14.07 -2.80
CA ASP A 295 -8.57 13.61 -2.33
C ASP A 295 -7.55 14.74 -2.34
N ARG A 296 -7.62 15.60 -3.36
CA ARG A 296 -6.77 16.82 -3.43
C ARG A 296 -7.09 17.78 -2.27
N PHE A 297 -8.37 17.90 -1.94
CA PHE A 297 -8.79 18.75 -0.81
C PHE A 297 -8.16 18.20 0.46
N LEU A 298 -8.25 16.90 0.66
CA LEU A 298 -7.64 16.27 1.83
C LEU A 298 -6.10 16.46 1.90
N ALA A 299 -5.44 16.46 0.73
CA ALA A 299 -4.00 16.62 0.61
C ALA A 299 -3.49 18.09 0.60
N GLY A 300 -4.44 19.03 0.46
CA GLY A 300 -4.14 20.41 0.16
C GLY A 300 -3.45 20.63 -1.18
N GLN A 301 -3.71 19.74 -2.15
CA GLN A 301 -2.99 19.80 -3.42
C GLN A 301 -3.67 20.75 -4.41
N PRO A 302 -2.97 21.82 -4.84
CA PRO A 302 -3.72 22.79 -5.67
C PRO A 302 -4.21 22.27 -7.03
N GLU A 303 -3.47 21.34 -7.67
CA GLU A 303 -3.79 20.93 -9.05
C GLU A 303 -3.76 19.45 -9.15
N ALA A 304 -4.52 18.92 -10.10
CA ALA A 304 -4.33 17.54 -10.48
C ALA A 304 -2.90 17.16 -10.94
N SER A 305 -2.58 15.89 -10.78
CA SER A 305 -1.40 15.32 -11.41
C SER A 305 -1.30 15.66 -12.90
N SER A 306 -0.08 15.68 -13.44
CA SER A 306 0.10 15.84 -14.88
C SER A 306 -0.63 14.76 -15.63
N TRP A 307 -0.93 15.05 -16.87
CA TRP A 307 -1.50 14.08 -17.80
C TRP A 307 -0.67 12.80 -17.93
N THR A 308 0.64 12.94 -18.10
CA THR A 308 1.52 11.77 -18.23
C THR A 308 1.54 10.89 -16.99
N LYS A 309 1.59 11.55 -15.84
CA LYS A 309 1.57 10.83 -14.58
C LYS A 309 0.28 10.04 -14.45
N HIS A 310 -0.83 10.69 -14.79
CA HIS A 310 -2.15 10.05 -14.80
C HIS A 310 -2.26 8.87 -15.74
N ALA A 311 -1.77 9.03 -16.99
CA ALA A 311 -1.87 7.97 -18.03
C ALA A 311 -0.97 6.78 -17.71
N PHE A 312 0.24 7.07 -17.19
CA PHE A 312 1.12 6.00 -16.77
C PHE A 312 0.50 5.20 -15.58
N GLY A 313 -0.13 5.91 -14.67
CA GLY A 313 -0.83 5.33 -13.52
C GLY A 313 -1.88 4.35 -13.97
N ILE A 314 -2.68 4.73 -15.00
CA ILE A 314 -3.66 3.82 -15.55
C ILE A 314 -3.11 2.54 -16.15
N ALA A 315 -2.04 2.67 -16.93
CA ALA A 315 -1.39 1.52 -17.54
C ALA A 315 -0.90 0.58 -16.42
N ASN A 316 -0.40 1.19 -15.34
CA ASN A 316 0.06 0.40 -14.18
C ASN A 316 -1.04 -0.31 -13.40
N GLU A 317 -2.28 0.15 -13.48
CA GLU A 317 -3.35 -0.58 -12.79
C GLU A 317 -3.41 -2.05 -13.17
N TYR A 318 -3.22 -2.35 -14.43
CA TYR A 318 -3.31 -3.71 -14.93
C TYR A 318 -2.03 -4.28 -15.41
N PHE A 319 -1.02 -3.47 -15.75
CA PHE A 319 0.24 -4.02 -16.34
C PHE A 319 1.55 -3.66 -15.65
N ASP A 320 1.45 -3.22 -14.41
CA ASP A 320 2.63 -2.91 -13.61
C ASP A 320 3.72 -3.99 -13.58
N ASP A 321 3.38 -5.25 -13.33
CA ASP A 321 4.41 -6.32 -13.32
C ASP A 321 5.11 -6.45 -14.66
N VAL A 322 4.37 -6.25 -15.77
CA VAL A 322 4.89 -6.40 -17.11
C VAL A 322 5.82 -5.26 -17.41
N ILE A 323 5.34 -4.05 -17.14
CA ILE A 323 6.17 -2.86 -17.20
C ILE A 323 7.47 -2.96 -16.34
N GLY A 324 7.29 -3.39 -15.10
CA GLY A 324 8.39 -3.49 -14.13
C GLY A 324 9.33 -4.60 -14.55
N GLN A 325 8.82 -5.64 -15.21
CA GLN A 325 9.74 -6.70 -15.68
C GLN A 325 10.63 -6.16 -16.82
N TYR A 326 10.01 -5.47 -17.77
CA TYR A 326 10.73 -4.75 -18.80
C TYR A 326 11.73 -3.77 -18.24
N TYR A 327 11.33 -2.93 -17.28
CA TYR A 327 12.27 -2.01 -16.61
C TYR A 327 13.55 -2.69 -16.08
N GLY A 328 13.36 -3.78 -15.40
CA GLY A 328 14.49 -4.48 -14.75
C GLY A 328 15.38 -5.10 -15.78
N GLN A 329 14.78 -5.76 -16.77
CA GLN A 329 15.54 -6.48 -17.81
C GLN A 329 16.40 -5.45 -18.55
N THR A 330 15.84 -4.26 -18.72
CA THR A 330 16.50 -3.18 -19.51
C THR A 330 17.47 -2.30 -18.75
N TYR A 331 17.16 -1.90 -17.53
CA TYR A 331 17.93 -0.86 -16.85
C TYR A 331 18.68 -1.32 -15.57
N PHE A 332 18.46 -2.55 -15.12
CA PHE A 332 19.07 -3.05 -13.84
C PHE A 332 20.18 -4.06 -14.20
N GLY A 333 21.42 -3.64 -14.00
CA GLY A 333 22.60 -4.44 -14.36
C GLY A 333 22.83 -5.71 -13.56
N ALA A 334 23.50 -6.65 -14.18
CA ALA A 334 23.81 -7.93 -13.54
C ALA A 334 24.76 -7.74 -12.33
N ASP A 335 25.76 -6.86 -12.44
CA ASP A 335 26.70 -6.64 -11.33
C ASP A 335 26.00 -5.97 -10.12
N ALA A 336 25.10 -4.99 -10.34
CA ALA A 336 24.30 -4.39 -9.23
C ALA A 336 23.47 -5.48 -8.57
N LYS A 337 22.84 -6.35 -9.40
CA LYS A 337 21.97 -7.38 -8.90
C LYS A 337 22.81 -8.32 -7.99
N ALA A 338 23.98 -8.71 -8.46
CA ALA A 338 24.87 -9.62 -7.68
C ALA A 338 25.31 -8.99 -6.38
N ASP A 339 25.55 -7.67 -6.35
CA ASP A 339 26.03 -6.98 -5.19
C ASP A 339 24.88 -6.81 -4.16
N VAL A 340 23.70 -6.41 -4.63
CA VAL A 340 22.56 -6.40 -3.71
C VAL A 340 22.18 -7.84 -3.22
N THR A 341 22.18 -8.82 -4.10
CA THR A 341 21.96 -10.20 -3.64
C THR A 341 22.95 -10.56 -2.52
N ALA A 342 24.24 -10.23 -2.66
CA ALA A 342 25.24 -10.56 -1.66
C ALA A 342 24.92 -9.80 -0.39
N MET A 343 24.47 -8.56 -0.53
CA MET A 343 24.17 -7.76 0.66
C MET A 343 23.01 -8.40 1.47
N VAL A 344 22.00 -8.90 0.78
CA VAL A 344 20.85 -9.45 1.41
C VAL A 344 21.25 -10.74 2.14
N LYS A 345 22.03 -11.60 1.44
CA LYS A 345 22.60 -12.81 2.06
CA LYS A 345 22.66 -12.80 2.02
C LYS A 345 23.40 -12.48 3.32
N GLN A 346 24.25 -11.43 3.27
CA GLN A 346 24.98 -10.95 4.46
C GLN A 346 24.13 -10.41 5.59
N ILE A 347 23.09 -9.67 5.27
CA ILE A 347 22.19 -9.15 6.30
CA ILE A 347 22.24 -9.16 6.34
C ILE A 347 21.45 -10.30 6.96
N LEU A 348 20.99 -11.26 6.16
CA LEU A 348 20.25 -12.39 6.75
C LEU A 348 21.22 -13.17 7.68
N ALA A 349 22.48 -13.27 7.28
CA ALA A 349 23.48 -14.02 8.07
C ALA A 349 23.73 -13.30 9.36
N GLN A 350 23.83 -11.96 9.30
CA GLN A 350 24.00 -11.23 10.50
C GLN A 350 22.77 -11.24 11.43
N TYR A 351 21.57 -11.25 10.84
CA TYR A 351 20.30 -11.37 11.62
C TYR A 351 20.26 -12.71 12.41
N ARG A 352 20.79 -13.77 11.80
CA ARG A 352 20.93 -15.06 12.49
C ARG A 352 21.88 -14.94 13.68
N VAL A 353 23.02 -14.27 13.47
CA VAL A 353 23.98 -14.04 14.56
C VAL A 353 23.30 -13.27 15.67
N GLN A 354 22.51 -12.25 15.31
CA GLN A 354 21.83 -11.47 16.34
C GLN A 354 20.80 -12.24 17.15
N LEU A 355 20.01 -13.05 16.49
CA LEU A 355 19.10 -13.97 17.23
C LEU A 355 19.89 -14.93 18.14
N GLU A 356 20.96 -15.50 17.59
CA GLU A 356 21.83 -16.37 18.41
C GLU A 356 22.36 -15.67 19.68
N ASN A 357 22.81 -14.41 19.57
CA ASN A 357 23.44 -13.73 20.66
C ASN A 357 22.37 -13.15 21.59
N ASN A 358 21.14 -13.01 21.07
CA ASN A 358 20.06 -12.47 21.87
C ASN A 358 19.98 -13.14 23.29
N THR A 359 19.75 -12.34 24.31
CA THR A 359 19.82 -12.79 25.69
C THR A 359 18.46 -12.87 26.41
N TRP A 360 17.34 -12.61 25.74
CA TRP A 360 16.06 -12.68 26.41
C TRP A 360 15.13 -13.74 25.87
N LEU A 361 15.37 -14.24 24.66
CA LEU A 361 14.49 -15.23 24.09
C LEU A 361 14.86 -16.61 24.71
N SER A 362 13.85 -17.38 25.10
CA SER A 362 14.10 -18.75 25.57
C SER A 362 14.40 -19.68 24.37
N PRO A 363 14.91 -20.89 24.68
CA PRO A 363 15.42 -21.69 23.55
C PRO A 363 14.37 -22.02 22.48
N ALA A 364 13.16 -22.37 22.93
CA ALA A 364 12.12 -22.78 22.01
C ALA A 364 11.73 -21.63 21.08
N THR A 365 11.52 -20.46 21.65
CA THR A 365 11.14 -19.29 20.85
C THR A 365 12.28 -18.90 19.85
N LYS A 366 13.50 -18.92 20.33
CA LYS A 366 14.64 -18.52 19.54
C LYS A 366 14.74 -19.43 18.33
N GLN A 367 14.52 -20.72 18.53
CA GLN A 367 14.59 -21.65 17.38
C GLN A 367 13.54 -21.32 16.30
N LYS A 368 12.30 -21.06 16.67
CA LYS A 368 11.27 -20.77 15.68
C LYS A 368 11.54 -19.42 14.98
N ALA A 369 12.14 -18.47 15.70
CA ALA A 369 12.59 -17.19 15.06
C ALA A 369 13.60 -17.50 13.99
N MET A 370 14.56 -18.34 14.33
CA MET A 370 15.53 -18.78 13.33
C MET A 370 14.92 -19.48 12.14
N ARG A 371 13.90 -20.31 12.37
CA ARG A 371 13.15 -20.94 11.28
C ARG A 371 12.59 -19.95 10.22
N LYS A 372 12.06 -18.84 10.71
CA LYS A 372 11.59 -17.78 9.83
C LYS A 372 12.70 -17.24 8.94
N LEU A 373 13.92 -17.08 9.45
CA LEU A 373 15.06 -16.65 8.64
C LEU A 373 15.53 -17.78 7.71
N ALA A 374 15.28 -19.02 8.12
CA ALA A 374 15.62 -20.17 7.31
C ALA A 374 14.74 -20.37 6.09
N THR A 375 13.42 -20.18 6.23
CA THR A 375 12.58 -20.35 5.06
C THR A 375 12.42 -19.04 4.22
N MET A 376 12.92 -17.91 4.70
CA MET A 376 12.66 -16.62 4.07
C MET A 376 13.18 -16.62 2.64
N GLN A 377 12.32 -16.25 1.69
CA GLN A 377 12.69 -16.14 0.27
CA GLN A 377 12.73 -16.16 0.28
C GLN A 377 12.89 -14.68 -0.13
N VAL A 378 13.70 -14.49 -1.17
CA VAL A 378 14.09 -13.20 -1.66
C VAL A 378 13.64 -13.05 -3.12
N LYS A 379 12.82 -12.04 -3.36
CA LYS A 379 12.47 -11.57 -4.71
C LYS A 379 13.30 -10.30 -5.05
N MET A 380 14.24 -10.50 -5.95
CA MET A 380 15.33 -9.58 -6.31
CA MET A 380 15.25 -9.48 -6.28
C MET A 380 15.13 -8.93 -7.70
N GLY A 381 14.96 -7.62 -7.73
CA GLY A 381 14.93 -6.85 -9.00
C GLY A 381 13.66 -6.91 -9.83
N TYR A 382 13.40 -8.06 -10.41
CA TYR A 382 12.23 -8.30 -11.31
C TYR A 382 12.03 -9.79 -11.53
N PRO A 383 10.80 -10.20 -11.82
CA PRO A 383 10.54 -11.64 -11.98
C PRO A 383 11.10 -12.22 -13.30
N ALA A 384 11.75 -13.39 -13.22
CA ALA A 384 12.17 -14.12 -14.42
C ALA A 384 10.94 -14.50 -15.24
N ARG A 385 9.88 -14.89 -14.55
CA ARG A 385 8.70 -15.44 -15.19
C ARG A 385 7.49 -14.63 -14.74
N LEU A 386 6.73 -14.12 -15.66
CA LEU A 386 5.49 -13.46 -15.27
C LEU A 386 4.47 -14.41 -14.70
N PHE A 387 3.89 -13.98 -13.60
CA PHE A 387 2.68 -14.49 -13.07
C PHE A 387 1.59 -14.84 -14.11
N SER A 388 0.97 -16.00 -13.95
CA SER A 388 0.04 -16.54 -14.99
C SER A 388 -1.24 -15.69 -15.25
N LEU A 389 -1.60 -14.78 -14.35
CA LEU A 389 -2.64 -13.77 -14.64
C LEU A 389 -2.39 -13.15 -15.98
N TYR A 390 -1.12 -12.90 -16.30
CA TYR A 390 -0.84 -12.28 -17.58
C TYR A 390 -1.07 -13.16 -18.81
N ASP A 391 -1.39 -14.46 -18.65
CA ASP A 391 -1.91 -15.27 -19.78
C ASP A 391 -3.42 -14.98 -20.02
N HIS A 392 -4.06 -14.12 -19.23
CA HIS A 392 -5.51 -13.95 -19.26
C HIS A 392 -5.95 -12.53 -19.42
N LEU A 393 -5.00 -11.57 -19.38
CA LEU A 393 -5.34 -10.12 -19.62
C LEU A 393 -5.04 -9.75 -21.07
N SER A 394 -5.93 -8.98 -21.70
CA SER A 394 -5.63 -8.52 -23.05
C SER A 394 -6.23 -7.14 -23.28
N VAL A 395 -5.70 -6.43 -24.27
CA VAL A 395 -6.15 -5.08 -24.67
C VAL A 395 -6.29 -5.05 -26.19
N ASP A 396 -7.45 -4.64 -26.70
CA ASP A 396 -7.71 -4.68 -28.14
C ASP A 396 -7.48 -3.32 -28.78
N VAL A 397 -7.10 -3.35 -30.05
CA VAL A 397 -6.65 -2.14 -30.71
C VAL A 397 -7.69 -1.00 -30.75
N ASP A 398 -8.96 -1.32 -30.95
CA ASP A 398 -9.96 -0.29 -31.29
C ASP A 398 -10.78 0.17 -30.08
N ASP A 399 -10.63 -0.56 -28.97
CA ASP A 399 -11.41 -0.22 -27.77
C ASP A 399 -11.08 1.21 -27.29
N ASP A 400 -12.10 1.89 -26.75
CA ASP A 400 -11.89 3.10 -25.97
C ASP A 400 -11.37 2.70 -24.55
N LEU A 401 -10.97 3.69 -23.79
CA LEU A 401 -10.30 3.38 -22.51
C LEU A 401 -11.24 2.72 -21.53
N LEU A 402 -12.45 3.25 -21.38
CA LEU A 402 -13.39 2.62 -20.45
C LEU A 402 -13.71 1.18 -20.82
N THR A 403 -13.95 0.90 -22.10
CA THR A 403 -14.17 -0.49 -22.57
CA THR A 403 -14.18 -0.50 -22.53
C THR A 403 -12.98 -1.39 -22.24
N ALA A 404 -11.77 -0.91 -22.50
CA ALA A 404 -10.56 -1.69 -22.24
C ALA A 404 -10.40 -2.02 -20.75
N ILE A 405 -10.63 -0.99 -19.89
CA ILE A 405 -10.56 -1.13 -18.44
C ILE A 405 -11.61 -2.07 -17.87
N LEU A 406 -12.84 -1.93 -18.38
CA LEU A 406 -13.89 -2.85 -17.96
C LEU A 406 -13.57 -4.31 -18.31
N LYS A 407 -13.04 -4.54 -19.50
CA LYS A 407 -12.60 -5.88 -19.89
C LYS A 407 -11.51 -6.42 -18.97
N LEU A 408 -10.47 -5.61 -18.73
CA LEU A 408 -9.40 -6.07 -17.83
C LEU A 408 -9.92 -6.40 -16.45
N SER A 409 -10.84 -5.58 -15.95
CA SER A 409 -11.45 -5.84 -14.68
C SER A 409 -12.19 -7.17 -14.72
N ALA A 410 -12.95 -7.44 -15.80
CA ALA A 410 -13.69 -8.70 -15.94
C ALA A 410 -12.73 -9.91 -16.02
N GLN A 411 -11.67 -9.77 -16.82
CA GLN A 411 -10.71 -10.84 -17.01
C GLN A 411 -10.04 -11.15 -15.67
N THR A 412 -9.73 -10.09 -14.90
CA THR A 412 -9.08 -10.19 -13.63
C THR A 412 -9.99 -10.97 -12.62
N GLN A 413 -11.25 -10.57 -12.57
CA GLN A 413 -12.23 -11.15 -11.63
C GLN A 413 -12.48 -12.63 -11.91
N ALA A 414 -12.61 -12.95 -13.19
CA ALA A 414 -12.79 -14.29 -13.68
C ALA A 414 -11.59 -15.19 -13.38
N PHE A 415 -10.38 -14.68 -13.60
CA PHE A 415 -9.17 -15.40 -13.25
C PHE A 415 -9.12 -15.73 -11.78
N TRP A 416 -9.35 -14.73 -10.92
CA TRP A 416 -9.24 -14.96 -9.49
C TRP A 416 -10.30 -15.88 -8.92
N PHE A 417 -11.48 -15.89 -9.52
CA PHE A 417 -12.52 -16.80 -9.08
C PHE A 417 -12.12 -18.25 -9.37
N LYS A 418 -11.28 -18.45 -10.38
CA LYS A 418 -10.78 -19.77 -10.73
C LYS A 418 -9.60 -20.20 -9.88
N GLN A 419 -9.02 -19.30 -9.08
CA GLN A 419 -7.86 -19.63 -8.22
C GLN A 419 -8.24 -20.17 -6.83
N LEU A 420 -9.53 -20.17 -6.49
CA LEU A 420 -10.00 -20.57 -5.17
C LEU A 420 -9.83 -22.07 -4.88
N GLY A 421 -9.90 -22.89 -5.91
CA GLY A 421 -9.66 -24.32 -5.69
C GLY A 421 -8.18 -24.71 -5.71
N GLN A 422 -7.28 -23.73 -5.58
CA GLN A 422 -5.90 -23.90 -5.99
C GLN A 422 -4.88 -23.41 -4.97
N THR A 423 -3.66 -23.92 -5.15
CA THR A 423 -2.54 -23.57 -4.28
C THR A 423 -2.01 -22.21 -4.67
N VAL A 424 -1.56 -21.46 -3.67
CA VAL A 424 -0.96 -20.16 -3.88
C VAL A 424 0.24 -20.28 -4.80
N ASP A 425 0.25 -19.42 -5.80
CA ASP A 425 1.31 -19.32 -6.73
C ASP A 425 2.39 -18.35 -6.19
N ARG A 426 3.55 -18.90 -5.86
CA ARG A 426 4.65 -18.19 -5.15
C ARG A 426 5.36 -17.26 -6.14
N ASN A 427 5.04 -17.48 -7.42
CA ASN A 427 5.49 -16.64 -8.48
C ASN A 427 4.73 -15.29 -8.64
N GLN A 428 3.70 -15.05 -7.86
CA GLN A 428 3.02 -13.76 -7.85
C GLN A 428 3.88 -12.85 -6.98
N TRP A 429 4.33 -11.72 -7.52
CA TRP A 429 5.05 -10.69 -6.76
C TRP A 429 4.08 -9.60 -6.29
N ASN A 430 4.31 -9.05 -5.08
CA ASN A 430 3.43 -8.01 -4.52
C ASN A 430 3.85 -6.58 -4.95
N MET A 431 4.97 -6.50 -5.67
CA MET A 431 5.45 -5.25 -6.24
C MET A 431 6.03 -5.51 -7.61
N PRO A 432 5.89 -4.53 -8.52
CA PRO A 432 6.48 -4.53 -9.89
C PRO A 432 7.95 -4.07 -9.83
N GLY A 433 8.80 -4.58 -10.74
CA GLY A 433 10.22 -4.24 -10.77
C GLY A 433 10.59 -2.79 -10.84
N HIS A 434 9.72 -1.91 -11.33
CA HIS A 434 10.14 -0.47 -11.37
C HIS A 434 9.76 0.32 -10.17
N LEU A 435 9.02 -0.28 -9.22
CA LEU A 435 8.55 0.45 -8.05
C LEU A 435 9.65 0.95 -7.11
N VAL A 436 9.55 2.19 -6.63
CA VAL A 436 10.56 2.72 -5.69
C VAL A 436 10.04 2.41 -4.29
N ASN A 437 10.17 1.13 -3.91
CA ASN A 437 9.61 0.64 -2.68
C ASN A 437 10.21 -0.75 -2.43
N ALA A 438 9.77 -1.39 -1.34
CA ALA A 438 10.24 -2.75 -1.00
C ALA A 438 9.22 -3.31 0.01
N SER A 439 9.26 -4.61 0.21
CA SER A 439 8.22 -5.28 1.00
C SER A 439 8.60 -6.60 1.64
N TYR A 440 7.74 -6.99 2.55
CA TYR A 440 7.74 -8.25 3.28
C TYR A 440 6.28 -8.74 3.29
N ASP A 441 6.11 -10.04 3.04
CA ASP A 441 4.84 -10.68 3.02
C ASP A 441 4.84 -11.82 4.01
N PRO A 442 3.98 -11.70 5.05
CA PRO A 442 4.02 -12.74 6.05
C PRO A 442 3.44 -14.05 5.59
N LEU A 443 2.51 -13.99 4.61
CA LEU A 443 1.81 -15.19 4.15
CA LEU A 443 1.81 -15.19 4.13
C LEU A 443 2.76 -16.04 3.33
N LYS A 444 3.76 -15.40 2.67
CA LYS A 444 4.78 -16.09 1.87
C LYS A 444 6.14 -16.21 2.58
N ASN A 445 6.27 -15.54 3.69
CA ASN A 445 7.51 -15.26 4.37
C ASN A 445 8.65 -14.90 3.35
N ASP A 446 8.41 -13.82 2.59
CA ASP A 446 9.42 -13.37 1.66
C ASP A 446 9.61 -11.87 1.66
N ILE A 447 10.70 -11.45 1.02
CA ILE A 447 11.15 -10.07 1.01
C ILE A 447 11.38 -9.74 -0.47
N THR A 448 10.95 -8.55 -0.89
CA THR A 448 10.99 -8.15 -2.26
C THR A 448 11.68 -6.77 -2.39
N PHE A 449 12.61 -6.68 -3.36
CA PHE A 449 13.44 -5.56 -3.62
C PHE A 449 13.43 -5.24 -5.09
N PRO A 450 12.41 -4.47 -5.53
CA PRO A 450 12.31 -4.15 -6.95
C PRO A 450 13.56 -3.36 -7.42
N ALA A 451 13.93 -3.56 -8.69
CA ALA A 451 15.04 -2.86 -9.33
C ALA A 451 14.96 -1.34 -9.16
N GLY A 452 13.74 -0.86 -9.16
CA GLY A 452 13.44 0.58 -8.98
C GLY A 452 14.09 1.23 -7.82
N ILE A 453 14.21 0.53 -6.69
CA ILE A 453 14.80 1.10 -5.47
CA ILE A 453 14.81 1.11 -5.48
C ILE A 453 16.33 0.87 -5.39
N LEU A 454 16.88 0.10 -6.32
CA LEU A 454 18.29 -0.30 -6.26
C LEU A 454 19.18 0.57 -7.16
N GLN A 455 19.19 1.86 -6.83
CA GLN A 455 19.94 2.90 -7.60
C GLN A 455 19.94 4.15 -6.72
N PRO A 456 20.71 5.20 -7.07
CA PRO A 456 20.66 6.42 -6.31
C PRO A 456 19.24 7.00 -6.25
N PRO A 457 18.84 7.51 -5.10
CA PRO A 457 19.66 7.81 -3.91
C PRO A 457 19.75 6.74 -2.84
N TYR A 458 19.53 5.46 -3.19
CA TYR A 458 19.48 4.36 -2.19
C TYR A 458 20.65 3.42 -2.27
N TYR A 459 21.20 3.25 -3.48
CA TYR A 459 22.20 2.25 -3.74
C TYR A 459 23.03 2.68 -4.94
N SER A 460 24.32 2.44 -4.91
CA SER A 460 25.14 2.46 -6.14
C SER A 460 26.34 1.57 -6.08
N LEU A 461 26.61 0.89 -7.18
CA LEU A 461 27.79 0.07 -7.35
C LEU A 461 29.03 0.88 -7.05
N LYS A 462 28.98 2.18 -7.33
CA LYS A 462 30.11 3.09 -7.12
C LYS A 462 30.20 3.66 -5.74
N TRP A 463 29.15 3.54 -4.93
CA TRP A 463 29.20 3.97 -3.55
C TRP A 463 30.00 3.05 -2.64
N THR A 464 30.36 3.55 -1.46
CA THR A 464 31.11 2.72 -0.51
C THR A 464 30.14 1.73 0.15
N ARG A 465 30.65 0.66 0.74
CA ARG A 465 29.75 -0.30 1.44
C ARG A 465 28.95 0.38 2.53
N ALA A 466 29.57 1.28 3.25
CA ALA A 466 28.87 2.04 4.30
C ALA A 466 27.73 2.89 3.78
N GLU A 467 27.95 3.58 2.65
CA GLU A 467 26.87 4.32 1.98
C GLU A 467 25.75 3.37 1.61
N ASN A 468 26.06 2.22 1.00
CA ASN A 468 24.96 1.29 0.55
C ASN A 468 24.17 0.69 1.72
N LEU A 469 24.86 0.52 2.84
CA LEU A 469 24.31 -0.09 4.01
C LEU A 469 23.32 0.88 4.57
N GLY A 470 23.68 2.18 4.48
CA GLY A 470 22.83 3.23 5.02
C GLY A 470 21.63 3.47 4.10
N GLY A 471 21.89 3.55 2.83
CA GLY A 471 20.85 3.74 1.81
C GLY A 471 19.90 2.58 1.52
N THR A 472 20.42 1.34 1.60
CA THR A 472 19.73 0.13 1.16
C THR A 472 19.77 -0.99 2.23
N GLY A 473 20.91 -1.16 2.89
CA GLY A 473 21.08 -2.13 4.00
C GLY A 473 19.99 -2.02 5.08
N ALA A 474 19.68 -0.79 5.52
CA ALA A 474 18.72 -0.58 6.59
C ALA A 474 17.32 -0.99 6.06
N THR A 475 17.08 -0.72 4.78
CA THR A 475 15.89 -1.22 4.10
C THR A 475 15.77 -2.75 4.02
N ILE A 476 16.82 -3.41 3.55
CA ILE A 476 16.92 -4.86 3.64
C ILE A 476 16.60 -5.35 5.06
N GLY A 477 17.29 -4.82 6.05
CA GLY A 477 17.01 -5.16 7.43
C GLY A 477 15.60 -4.90 7.90
N HIS A 478 15.04 -3.78 7.46
CA HIS A 478 13.69 -3.42 7.75
C HIS A 478 12.73 -4.51 7.25
N GLU A 479 12.90 -4.92 6.00
CA GLU A 479 12.00 -5.89 5.44
C GLU A 479 12.11 -7.23 6.19
N ILE A 480 13.33 -7.67 6.50
CA ILE A 480 13.48 -8.89 7.29
C ILE A 480 12.81 -8.74 8.65
N SER A 481 12.96 -7.59 9.27
CA SER A 481 12.35 -7.33 10.59
C SER A 481 10.84 -7.40 10.65
N HIS A 482 10.18 -7.16 9.52
CA HIS A 482 8.77 -7.35 9.45
C HIS A 482 8.30 -8.79 9.72
N SER A 483 9.15 -9.81 9.48
CA SER A 483 8.81 -11.20 9.93
C SER A 483 8.60 -11.38 11.46
N PHE A 484 9.15 -10.47 12.24
CA PHE A 484 9.08 -10.46 13.71
C PHE A 484 8.53 -9.17 14.27
N ASP A 485 7.78 -8.40 13.50
CA ASP A 485 7.14 -7.25 14.10
C ASP A 485 5.85 -7.72 14.83
N ASN A 486 5.07 -6.78 15.35
CA ASN A 486 3.89 -7.20 16.11
C ASN A 486 2.84 -7.93 15.29
N ASN A 487 2.86 -7.79 13.97
CA ASN A 487 2.05 -8.60 13.06
C ASN A 487 2.77 -9.85 12.65
N GLY A 488 3.95 -9.69 12.06
CA GLY A 488 4.74 -10.80 11.52
C GLY A 488 5.01 -11.94 12.52
N ALA A 489 5.27 -11.57 13.76
CA ALA A 489 5.61 -12.50 14.83
C ALA A 489 4.44 -13.46 15.05
N LEU A 490 3.26 -13.13 14.51
CA LEU A 490 2.10 -13.99 14.70
C LEU A 490 2.07 -15.12 13.68
N TYR A 491 2.85 -15.01 12.60
CA TYR A 491 2.90 -16.06 11.60
C TYR A 491 4.13 -16.95 11.73
N ASP A 492 3.98 -18.22 11.40
CA ASP A 492 5.13 -19.17 11.40
C ASP A 492 5.95 -19.08 10.11
N GLU A 493 6.97 -19.92 10.01
CA GLU A 493 7.87 -19.89 8.89
C GLU A 493 7.19 -20.41 7.61
N TYR A 494 5.96 -20.90 7.75
CA TYR A 494 5.16 -21.35 6.59
C TYR A 494 4.09 -20.32 6.17
N GLY A 495 4.01 -19.19 6.86
CA GLY A 495 3.00 -18.17 6.50
C GLY A 495 1.68 -18.33 7.21
N ASN A 496 1.59 -19.31 8.11
CA ASN A 496 0.34 -19.55 8.90
C ASN A 496 0.30 -18.87 10.26
N LEU A 497 -0.86 -18.32 10.60
CA LEU A 497 -1.02 -17.82 11.91
C LEU A 497 -0.92 -18.98 12.92
N HIS A 498 0.05 -18.89 13.81
CA HIS A 498 0.31 -19.91 14.82
C HIS A 498 1.14 -19.30 15.91
N ASN A 499 0.78 -19.64 17.14
CA ASN A 499 1.46 -19.07 18.29
C ASN A 499 2.75 -19.86 18.52
N TRP A 500 3.91 -19.29 18.13
CA TRP A 500 5.16 -20.02 18.38
C TRP A 500 5.98 -19.48 19.57
N TRP A 501 5.38 -18.61 20.37
CA TRP A 501 6.01 -17.97 21.50
C TRP A 501 5.69 -18.69 22.80
N THR A 502 6.66 -18.71 23.73
CA THR A 502 6.32 -19.08 25.11
C THR A 502 5.59 -17.95 25.75
N PRO A 503 4.86 -18.19 26.85
CA PRO A 503 4.23 -17.03 27.55
C PRO A 503 5.20 -15.95 28.02
N ALA A 504 6.34 -16.33 28.60
CA ALA A 504 7.23 -15.30 29.09
C ALA A 504 7.92 -14.54 27.96
N ASP A 505 8.15 -15.20 26.85
CA ASP A 505 8.87 -14.56 25.77
C ASP A 505 7.84 -13.61 25.10
N LYS A 506 6.57 -14.06 25.01
CA LYS A 506 5.51 -13.25 24.41
C LYS A 506 5.28 -11.98 25.26
N GLN A 507 5.27 -12.16 26.59
CA GLN A 507 5.22 -11.03 27.51
C GLN A 507 6.38 -10.05 27.31
N ALA A 508 7.61 -10.56 27.16
CA ALA A 508 8.79 -9.70 27.00
C ALA A 508 8.68 -8.89 25.68
N PHE A 509 8.25 -9.59 24.63
CA PHE A 509 8.03 -9.01 23.30
C PHE A 509 6.99 -7.84 23.34
N ASP A 510 5.83 -8.11 23.94
CA ASP A 510 4.77 -7.17 24.14
C ASP A 510 5.26 -5.89 24.81
N GLN A 511 6.16 -6.03 25.76
CA GLN A 511 6.73 -4.88 26.46
C GLN A 511 7.66 -3.99 25.56
N LEU A 512 8.45 -4.65 24.72
CA LEU A 512 9.25 -3.95 23.71
C LEU A 512 8.30 -3.16 22.76
N VAL A 513 7.24 -3.82 22.29
CA VAL A 513 6.23 -3.20 21.36
C VAL A 513 5.63 -1.96 22.06
N LYS A 514 5.22 -2.16 23.29
CA LYS A 514 4.74 -1.06 24.11
C LYS A 514 5.76 0.09 24.27
N ALA A 515 7.00 -0.20 24.63
CA ALA A 515 8.06 0.79 24.62
C ALA A 515 8.27 1.50 23.25
N MET A 516 8.13 0.75 22.20
CA MET A 516 8.30 1.34 20.85
C MET A 516 7.15 2.28 20.51
N ALA A 517 5.92 1.96 20.92
CA ALA A 517 4.79 2.91 20.74
C ALA A 517 5.06 4.19 21.51
N ALA A 518 5.50 4.05 22.75
CA ALA A 518 5.85 5.20 23.62
C ALA A 518 7.01 6.06 23.07
N GLN A 519 7.94 5.42 22.37
CA GLN A 519 9.11 6.12 21.85
C GLN A 519 8.71 7.10 20.74
N PHE A 520 7.58 6.86 20.08
CA PHE A 520 7.10 7.75 18.99
C PHE A 520 5.80 8.51 19.27
N ASP A 521 4.99 7.94 20.12
CA ASP A 521 3.74 8.62 20.40
C ASP A 521 3.80 10.13 20.76
N GLY A 522 3.02 10.91 20.01
CA GLY A 522 2.78 12.29 20.33
C GLY A 522 3.84 13.23 19.77
N ARG A 523 4.89 12.68 19.12
CA ARG A 523 5.89 13.55 18.47
C ARG A 523 5.24 14.34 17.32
N ASP A 524 5.76 15.52 17.05
CA ASP A 524 5.21 16.49 16.11
C ASP A 524 5.83 16.31 14.70
N TYR A 525 4.97 16.42 13.67
CA TYR A 525 5.42 16.56 12.32
C TYR A 525 4.52 17.55 11.60
N GLU A 526 5.09 18.67 11.15
CA GLU A 526 4.31 19.66 10.40
C GLU A 526 3.12 20.11 11.23
N GLY A 527 3.24 20.07 12.56
CA GLY A 527 2.14 20.49 13.42
C GLY A 527 1.16 19.37 13.73
N VAL A 528 1.44 18.16 13.33
CA VAL A 528 0.52 17.06 13.46
C VAL A 528 1.12 16.06 14.46
N LYS A 529 0.27 15.47 15.33
CA LYS A 529 0.71 14.47 16.29
C LYS A 529 0.87 13.09 15.63
N VAL A 530 2.02 12.46 15.86
CA VAL A 530 2.21 11.08 15.44
C VAL A 530 1.58 10.09 16.49
N ASN A 531 0.94 9.05 15.98
CA ASN A 531 0.30 7.99 16.77
C ASN A 531 1.29 6.81 16.83
N GLY A 532 1.88 6.62 18.00
CA GLY A 532 2.91 5.61 18.16
C GLY A 532 2.41 4.20 18.13
N THR A 533 1.12 4.02 18.36
CA THR A 533 0.50 2.68 18.28
C THR A 533 0.21 2.33 16.85
N LEU A 534 -0.29 3.32 16.13
CA LEU A 534 -0.59 3.14 14.73
C LEU A 534 0.64 2.72 13.94
N THR A 535 1.77 3.29 14.35
CA THR A 535 2.98 3.23 13.57
C THR A 535 3.97 2.25 14.21
N VAL A 536 3.51 1.47 15.20
CA VAL A 536 4.46 0.65 15.91
C VAL A 536 5.15 -0.38 15.05
N SER A 537 4.44 -1.02 14.14
CA SER A 537 5.01 -2.09 13.30
C SER A 537 6.21 -1.63 12.46
N GLU A 538 6.05 -0.44 11.88
CA GLU A 538 7.09 0.16 11.06
C GLU A 538 8.25 0.72 11.82
N ASN A 539 7.98 1.27 13.00
CA ASN A 539 9.04 1.75 13.87
C ASN A 539 9.84 0.60 14.46
N MET A 540 9.18 -0.55 14.74
CA MET A 540 9.94 -1.76 15.06
C MET A 540 10.86 -2.21 13.94
N ALA A 541 10.34 -2.28 12.71
CA ALA A 541 11.13 -2.68 11.57
C ALA A 541 12.30 -1.75 11.29
N ASP A 542 12.05 -0.46 11.44
CA ASP A 542 13.14 0.53 11.26
C ASP A 542 14.24 0.32 12.25
N ASN A 543 13.86 0.07 13.50
CA ASN A 543 14.81 -0.03 14.58
C ASN A 543 15.69 -1.29 14.40
N ALA A 544 15.05 -2.46 14.28
CA ALA A 544 15.78 -3.68 14.13
C ALA A 544 16.47 -3.76 12.75
N GLY A 545 15.93 -3.08 11.76
CA GLY A 545 16.58 -3.00 10.44
C GLY A 545 17.85 -2.17 10.45
N MET A 546 17.81 -1.03 11.09
CA MET A 546 19.03 -0.21 11.22
C MET A 546 20.10 -0.97 12.03
N ASP A 547 19.67 -1.62 13.10
CA ASP A 547 20.56 -2.40 13.97
C ASP A 547 21.36 -3.43 13.20
N VAL A 548 20.69 -4.29 12.43
CA VAL A 548 21.40 -5.34 11.75
C VAL A 548 22.32 -4.75 10.64
N ALA A 549 21.85 -3.69 9.95
CA ALA A 549 22.64 -3.02 8.88
C ALA A 549 23.91 -2.41 9.50
N LEU A 550 23.74 -1.74 10.63
CA LEU A 550 24.92 -1.22 11.37
C LEU A 550 25.92 -2.32 11.76
N ALA A 551 25.40 -3.49 12.16
CA ALA A 551 26.30 -4.59 12.51
C ALA A 551 27.15 -5.03 11.33
N LEU A 552 26.69 -4.86 10.08
CA LEU A 552 27.54 -5.25 8.94
C LEU A 552 28.74 -4.36 8.79
N LEU A 553 28.79 -3.23 9.50
CA LEU A 553 29.99 -2.38 9.44
C LEU A 553 31.16 -2.99 10.22
N GLY A 554 30.89 -4.10 10.92
CA GLY A 554 31.87 -4.78 11.73
C GLY A 554 31.93 -4.29 13.15
N ASP A 555 32.78 -4.94 13.94
CA ASP A 555 32.86 -4.76 15.38
C ASP A 555 33.56 -3.44 15.73
N GLN A 556 34.51 -2.99 14.90
CA GLN A 556 35.30 -1.78 15.20
CA GLN A 556 35.34 -1.82 15.20
C GLN A 556 35.33 -0.84 14.02
N PRO A 557 34.13 -0.39 13.57
CA PRO A 557 34.09 0.41 12.32
C PRO A 557 34.89 1.75 12.36
N ASP A 558 35.47 2.21 11.25
CA ASP A 558 35.99 3.60 11.18
C ASP A 558 34.83 4.56 11.32
N VAL A 559 35.11 5.61 12.03
CA VAL A 559 34.17 6.71 12.25
C VAL A 559 33.66 7.23 10.90
N LYS A 560 34.53 7.39 9.88
CA LYS A 560 34.09 7.90 8.59
C LYS A 560 32.99 7.00 7.94
N ASP A 561 33.09 5.68 8.14
CA ASP A 561 32.03 4.76 7.66
C ASP A 561 30.74 4.87 8.48
N LEU A 562 30.88 5.01 9.81
CA LEU A 562 29.69 5.21 10.70
C LEU A 562 28.97 6.46 10.19
N GLN A 563 29.76 7.53 9.94
CA GLN A 563 29.18 8.79 9.44
C GLN A 563 28.51 8.66 8.08
N ALA A 564 29.15 7.97 7.13
CA ALA A 564 28.60 7.73 5.83
C ALA A 564 27.26 6.96 5.89
N PHE A 565 27.20 6.00 6.80
CA PHE A 565 26.01 5.22 6.96
C PHE A 565 24.83 6.11 7.36
N PHE A 566 24.99 6.88 8.41
CA PHE A 566 23.89 7.70 8.88
C PHE A 566 23.53 8.81 7.91
N ILE A 567 24.54 9.41 7.28
CA ILE A 567 24.29 10.54 6.30
C ILE A 567 23.52 10.04 5.11
N THR A 568 23.91 8.86 4.61
CA THR A 568 23.29 8.30 3.42
C THR A 568 21.85 7.85 3.74
N TYR A 569 21.69 7.23 4.90
CA TYR A 569 20.33 6.89 5.37
C TYR A 569 19.47 8.17 5.43
N ALA A 570 19.97 9.21 6.03
CA ALA A 570 19.21 10.44 6.27
C ALA A 570 18.80 11.08 4.96
N ARG A 571 19.76 11.12 4.01
CA ARG A 571 19.46 11.71 2.75
C ARG A 571 18.40 10.93 1.95
N SER A 572 18.41 9.60 2.12
CA SER A 572 17.47 8.73 1.40
C SER A 572 16.05 8.96 1.82
N TRP A 573 15.85 9.65 2.95
CA TRP A 573 14.55 9.89 3.49
C TRP A 573 14.04 11.33 3.30
N ALA A 574 14.75 12.16 2.53
CA ALA A 574 14.37 13.57 2.36
C ALA A 574 12.96 13.60 1.81
N THR A 575 12.06 14.29 2.53
CA THR A 575 10.59 14.29 2.23
C THR A 575 10.01 15.66 2.62
N LYS A 576 9.30 16.27 1.70
CA LYS A 576 8.65 17.55 2.03
C LYS A 576 7.17 17.42 1.63
N MET A 577 6.29 17.46 2.60
CA MET A 577 4.87 17.25 2.29
C MET A 577 4.02 18.39 2.82
N ARG A 578 2.86 18.58 2.18
CA ARG A 578 1.89 19.59 2.63
C ARG A 578 1.39 19.25 4.03
N PRO A 579 1.29 20.27 4.90
CA PRO A 579 0.73 20.07 6.23
C PRO A 579 -0.60 19.38 6.21
N GLU A 580 -1.45 19.71 5.24
CA GLU A 580 -2.77 19.02 5.11
C GLU A 580 -2.66 17.54 4.79
N ARG A 581 -1.72 17.19 3.92
CA ARG A 581 -1.49 15.81 3.58
C ARG A 581 -0.98 15.02 4.82
N ALA A 582 -0.06 15.63 5.58
CA ALA A 582 0.40 15.09 6.86
C ALA A 582 -0.73 14.73 7.81
N LYS A 583 -1.69 15.64 7.96
CA LYS A 583 -2.84 15.47 8.83
C LYS A 583 -3.61 14.23 8.46
N THR A 584 -3.87 14.02 7.17
CA THR A 584 -4.55 12.83 6.67
C THR A 584 -3.68 11.58 6.84
N VAL A 585 -2.40 11.69 6.42
CA VAL A 585 -1.48 10.54 6.41
C VAL A 585 -1.24 10.00 7.80
N LEU A 586 -1.04 10.92 8.73
CA LEU A 586 -0.69 10.61 10.11
C LEU A 586 -1.85 9.96 10.85
N ARG A 587 -3.07 10.05 10.28
CA ARG A 587 -4.24 9.32 10.81
C ARG A 587 -4.42 7.90 10.22
N GLN A 588 -3.76 7.58 9.12
CA GLN A 588 -3.97 6.28 8.46
C GLN A 588 -2.74 5.40 8.26
N ASP A 589 -1.62 6.01 7.87
CA ASP A 589 -0.41 5.29 7.49
C ASP A 589 0.27 4.64 8.70
N VAL A 590 0.66 3.38 8.58
CA VAL A 590 1.47 2.71 9.58
C VAL A 590 2.93 3.20 9.66
N HIS A 591 3.39 3.95 8.67
CA HIS A 591 4.72 4.54 8.74
C HIS A 591 4.73 5.86 9.44
N ALA A 592 5.73 6.05 10.28
CA ALA A 592 5.97 7.37 10.82
C ALA A 592 6.44 8.33 9.70
N PRO A 593 6.30 9.67 9.91
CA PRO A 593 6.89 10.53 8.94
C PRO A 593 8.43 10.50 8.88
N ALA A 594 8.91 10.84 7.70
CA ALA A 594 10.29 10.66 7.30
C ALA A 594 11.25 11.31 8.26
N THR A 595 10.93 12.52 8.78
CA THR A 595 11.82 13.23 9.72
C THR A 595 12.10 12.41 11.00
N LEU A 596 11.05 11.75 11.51
CA LEU A 596 11.15 10.99 12.72
C LEU A 596 11.78 9.62 12.43
N ARG A 597 11.53 9.07 11.26
CA ARG A 597 12.18 7.80 10.87
C ARG A 597 13.69 7.98 10.78
N VAL A 598 14.10 9.25 10.58
CA VAL A 598 15.52 9.60 10.65
C VAL A 598 16.05 9.92 12.02
N ASN A 599 15.46 10.90 12.69
CA ASN A 599 16.01 11.39 13.93
C ASN A 599 15.73 10.50 15.14
N VAL A 600 14.60 9.79 15.16
CA VAL A 600 14.28 9.04 16.41
C VAL A 600 15.13 7.77 16.62
N PRO A 601 15.19 6.87 15.60
CA PRO A 601 15.80 5.55 15.80
C PRO A 601 17.29 5.61 16.10
N VAL A 602 17.99 6.53 15.45
CA VAL A 602 19.42 6.50 15.53
C VAL A 602 19.95 6.61 16.94
N GLN A 603 19.17 7.29 17.78
CA GLN A 603 19.61 7.68 19.13
C GLN A 603 19.62 6.47 20.08
N ASN A 604 19.11 5.33 19.61
CA ASN A 604 19.17 4.08 20.34
C ASN A 604 20.51 3.35 20.25
N PHE A 605 21.36 3.76 19.34
CA PHE A 605 22.50 2.91 18.99
C PHE A 605 23.86 3.50 19.36
N PRO A 606 24.71 2.72 20.07
CA PRO A 606 26.02 3.29 20.41
C PRO A 606 26.79 3.84 19.19
N ALA A 607 26.62 3.24 18.00
CA ALA A 607 27.35 3.70 16.78
C ALA A 607 27.04 5.17 16.36
N TRP A 608 25.83 5.62 16.75
CA TRP A 608 25.36 7.00 16.52
C TRP A 608 26.24 7.96 17.39
N TYR A 609 26.39 7.59 18.66
CA TYR A 609 27.17 8.41 19.57
C TYR A 609 28.63 8.43 19.14
N GLN A 610 29.14 7.27 18.72
CA GLN A 610 30.49 7.18 18.21
C GLN A 610 30.69 7.91 16.87
N ALA A 611 29.71 7.83 15.97
CA ALA A 611 29.81 8.48 14.68
C ALA A 611 30.13 9.95 14.76
N PHE A 612 29.39 10.68 15.58
CA PHE A 612 29.50 12.11 15.56
C PHE A 612 29.82 12.65 16.94
N ASN A 613 30.31 11.77 17.84
CA ASN A 613 30.80 12.17 19.17
C ASN A 613 29.70 12.98 19.86
N VAL A 614 28.51 12.40 19.90
CA VAL A 614 27.33 13.05 20.41
C VAL A 614 27.40 13.03 21.92
N GLN A 615 27.13 14.18 22.51
CA GLN A 615 27.22 14.43 23.94
C GLN A 615 25.81 14.62 24.53
N PRO A 616 25.70 14.56 25.86
CA PRO A 616 24.43 14.70 26.57
C PRO A 616 23.69 16.02 26.33
N GLN A 617 24.44 17.08 26.05
CA GLN A 617 23.86 18.39 25.72
C GLN A 617 23.31 18.52 24.28
N ASP A 618 23.68 17.59 23.39
CA ASP A 618 23.27 17.60 21.99
C ASP A 618 21.80 17.20 21.79
N GLY A 619 21.16 17.80 20.79
CA GLY A 619 19.81 17.51 20.47
C GLY A 619 19.55 16.05 20.08
N MET A 620 20.54 15.34 19.55
CA MET A 620 20.33 13.96 19.13
C MET A 620 20.86 13.00 20.21
N TYR A 621 20.75 13.39 21.47
CA TYR A 621 21.15 12.52 22.56
C TYR A 621 19.93 11.98 23.22
N ARG A 622 19.85 10.65 23.40
CA ARG A 622 18.84 10.02 24.24
C ARG A 622 19.49 9.40 25.51
N GLN A 623 18.85 9.63 26.64
CA GLN A 623 19.34 9.06 27.89
CA GLN A 623 19.23 9.06 27.92
C GLN A 623 19.39 7.52 27.77
N PRO A 624 20.51 6.94 28.23
CA PRO A 624 20.70 5.50 28.08
C PRO A 624 19.49 4.63 28.49
N GLN A 625 18.79 5.00 29.55
CA GLN A 625 17.73 4.14 30.03
C GLN A 625 16.51 4.24 29.14
N LYS A 626 16.42 5.25 28.28
CA LYS A 626 15.34 5.29 27.29
C LYS A 626 15.70 4.64 25.92
N ARG A 627 16.96 4.25 25.74
CA ARG A 627 17.36 3.62 24.47
C ARG A 627 16.73 2.24 24.37
N LEU A 628 16.28 1.92 23.16
CA LEU A 628 15.52 0.77 22.90
C LEU A 628 16.11 -0.01 21.73
N THR A 629 16.45 -1.27 21.98
CA THR A 629 16.83 -2.19 20.92
C THR A 629 15.97 -3.48 21.04
N ILE A 630 15.95 -4.31 20.01
CA ILE A 630 14.94 -5.38 19.95
C ILE A 630 15.59 -6.73 20.11
N TRP A 631 16.10 -7.28 19.04
CA TRP A 631 16.78 -8.62 19.08
C TRP A 631 18.22 -8.52 19.58
N HIS A 632 18.90 -7.41 19.22
CA HIS A 632 20.31 -7.18 19.53
C HIS A 632 20.42 -6.58 20.91
N GLN A 633 20.29 -7.46 21.90
CA GLN A 633 20.42 -7.18 23.28
C GLN A 633 20.34 -8.52 24.05
#